data_4NM7
#
_entry.id   4NM7
#
_cell.length_a   82.002
_cell.length_b   82.002
_cell.length_c   280.345
_cell.angle_alpha   90.00
_cell.angle_beta   90.00
_cell.angle_gamma   120.00
#
_symmetry.space_group_name_H-M   'P 61 2 2'
#
loop_
_entity.id
_entity.type
_entity.pdbx_description
1 polymer 'GSK3B protein'
2 polymer Axin-1
3 polymer 'Phosphorylated Wnt receptor LRP6 e-motif'
4 non-polymer "ADENOSINE-5'-DIPHOSPHATE"
5 non-polymer GLYCEROL
6 non-polymer 'MAGNESIUM ION'
7 non-polymer 'CHLORIDE ION'
8 non-polymer 2,3-DIHYDROXY-1,4-DITHIOBUTANE
9 water water
#
loop_
_entity_poly.entity_id
_entity_poly.type
_entity_poly.pdbx_seq_one_letter_code
_entity_poly.pdbx_strand_id
1 'polypeptide(L)'
;SCKPVQQPSAFGSMKVSRDKDGSKVTTVVATPGQGPDRPQEVSYTDTKVIGNGSFGVVYQAKLCDSGELVAIKKVLQDKR
FKNRELQIMRKLDHCNIVRLRYFFYSSGEKKDEVYLNLVLDYVPETVYRVARHYSRAKQTLPVIYVKLYMYQLFRSLAYI
HSFGICHRDIKPQNLLLDPDTAVLKLCDFGSAKQLVRGEPNVSYICSRYYRAPELIFGATDYTSSIDVWSAGCVLAELLL
GQPIFPGDSGVDQLVEIIKVLGTPTREQIREMNPNYTEFKFPQIKAHPWTKVFRPRTPPEAIALCSRLLEYTPTARLTPL
EACAHSFFDELRDPNVKLPNGRDTPALFNFTTQELSSNPPLATILIPPHARHHHHHH
;
A
2 'polypeptide(L)' GGILVEPQKFAEELIHRLEAVQRT B
3 'polypeptide(L)' MPPPP(SEP)PCT C
#
# COMPACT_ATOMS: atom_id res chain seq x y z
N SER A 13 -5.53 27.50 -19.87
CA SER A 13 -5.47 28.93 -19.59
C SER A 13 -5.61 29.19 -18.09
N MET A 14 -4.50 29.02 -17.37
CA MET A 14 -4.49 29.19 -15.92
C MET A 14 -4.31 30.66 -15.53
N LYS A 15 -5.38 31.29 -15.08
CA LYS A 15 -5.32 32.69 -14.66
C LYS A 15 -4.76 32.82 -13.25
N VAL A 16 -3.64 33.51 -13.12
CA VAL A 16 -3.00 33.72 -11.83
C VAL A 16 -3.00 35.21 -11.45
N SER A 17 -3.82 35.57 -10.47
CA SER A 17 -3.94 36.95 -10.04
C SER A 17 -3.59 37.14 -8.56
N ARG A 18 -3.91 38.30 -8.01
CA ARG A 18 -3.60 38.61 -6.61
C ARG A 18 -4.86 38.97 -5.82
N ASP A 19 -4.87 38.59 -4.54
CA ASP A 19 -6.01 38.88 -3.67
C ASP A 19 -6.01 40.33 -3.21
N SER A 23 -2.42 38.33 -1.44
CA SER A 23 -2.07 36.90 -1.56
C SER A 23 -2.31 36.39 -2.98
N LYS A 24 -1.33 35.69 -3.53
CA LYS A 24 -1.40 35.19 -4.90
C LYS A 24 -2.44 34.08 -5.07
N VAL A 25 -3.36 34.26 -6.02
CA VAL A 25 -4.42 33.30 -6.26
C VAL A 25 -4.29 32.65 -7.65
N THR A 26 -4.46 31.34 -7.69
CA THR A 26 -4.43 30.59 -8.95
C THR A 26 -5.84 30.09 -9.29
N THR A 27 -6.28 30.36 -10.52
CA THR A 27 -7.60 29.90 -10.98
C THR A 27 -7.48 28.93 -12.15
N VAL A 28 -8.10 27.77 -12.01
CA VAL A 28 -8.13 26.77 -13.07
C VAL A 28 -9.56 26.29 -13.27
N VAL A 29 -9.84 25.73 -14.44
CA VAL A 29 -11.10 25.02 -14.63
C VAL A 29 -10.83 23.53 -14.46
N ALA A 30 -11.26 22.99 -13.33
CA ALA A 30 -10.93 21.61 -12.97
C ALA A 30 -12.16 20.71 -12.91
N THR A 31 -11.95 19.44 -13.20
CA THR A 31 -13.02 18.45 -13.23
C THR A 31 -13.10 17.68 -11.90
N PRO A 32 -14.29 17.65 -11.28
CA PRO A 32 -14.49 16.91 -10.03
C PRO A 32 -14.19 15.43 -10.17
N GLY A 33 -13.76 14.79 -9.09
CA GLY A 33 -13.38 13.39 -9.12
C GLY A 33 -14.51 12.40 -9.33
N GLN A 34 -15.71 12.75 -8.87
CA GLN A 34 -16.86 11.86 -8.99
C GLN A 34 -17.84 12.31 -10.07
N GLY A 35 -18.80 11.45 -10.39
CA GLY A 35 -19.88 11.77 -11.30
C GLY A 35 -19.46 12.09 -12.72
N PRO A 36 -20.42 12.52 -13.56
CA PRO A 36 -20.17 12.96 -14.94
C PRO A 36 -19.29 14.20 -14.98
N ASP A 37 -18.43 14.31 -16.00
CA ASP A 37 -17.50 15.42 -16.11
C ASP A 37 -18.20 16.76 -16.24
N ARG A 38 -18.18 17.53 -15.15
CA ARG A 38 -18.74 18.86 -15.13
C ARG A 38 -17.74 19.80 -14.49
N PRO A 39 -16.78 20.30 -15.28
CA PRO A 39 -15.68 21.12 -14.76
C PRO A 39 -16.17 22.43 -14.16
N GLN A 40 -15.55 22.85 -13.07
CA GLN A 40 -15.90 24.10 -12.43
C GLN A 40 -14.65 24.89 -12.09
N GLU A 41 -14.77 26.21 -12.03
CA GLU A 41 -13.64 27.05 -11.64
C GLU A 41 -13.22 26.75 -10.20
N VAL A 42 -11.94 26.49 -10.02
CA VAL A 42 -11.38 26.27 -8.70
C VAL A 42 -10.26 27.28 -8.45
N SER A 43 -10.34 27.96 -7.31
CA SER A 43 -9.32 28.94 -6.95
C SER A 43 -8.55 28.48 -5.72
N TYR A 44 -7.23 28.59 -5.77
CA TYR A 44 -6.42 28.26 -4.61
C TYR A 44 -5.24 29.20 -4.43
N THR A 45 -4.67 29.16 -3.23
CA THR A 45 -3.59 30.07 -2.85
C THR A 45 -2.62 29.34 -1.92
N ASP A 46 -1.59 30.05 -1.47
CA ASP A 46 -0.61 29.52 -0.52
C ASP A 46 0.02 28.22 -1.00
N THR A 47 0.51 28.23 -2.23
CA THR A 47 1.12 27.05 -2.82
C THR A 47 2.54 26.86 -2.33
N LYS A 48 2.86 25.63 -1.93
CA LYS A 48 4.24 25.27 -1.60
C LYS A 48 4.50 23.79 -1.85
N VAL A 49 5.72 23.48 -2.29
CA VAL A 49 6.11 22.10 -2.54
C VAL A 49 6.25 21.38 -1.21
N ILE A 50 5.61 20.22 -1.10
N ILE A 50 5.64 20.19 -1.09
CA ILE A 50 5.76 19.37 0.07
CA ILE A 50 5.67 19.47 0.18
C ILE A 50 6.39 18.04 -0.34
C ILE A 50 6.16 18.02 0.10
N GLY A 51 6.82 17.98 -1.60
N GLY A 51 5.76 17.28 -0.94
CA GLY A 51 7.42 16.78 -2.15
CA GLY A 51 6.07 15.86 -1.02
C GLY A 51 7.82 16.97 -3.60
C GLY A 51 6.79 15.46 -2.29
N ASN A 52 8.92 16.34 -3.99
N ASN A 52 7.63 14.43 -2.20
CA ASN A 52 9.41 16.47 -5.36
CA ASN A 52 8.43 13.98 -3.33
C ASN A 52 10.19 15.21 -5.78
C ASN A 52 7.82 12.75 -4.02
N GLY A 53 10.06 14.85 -7.05
CA GLY A 53 10.73 13.68 -7.59
C GLY A 53 10.84 13.71 -9.10
N SER A 54 11.36 12.63 -9.67
CA SER A 54 11.53 12.54 -11.11
C SER A 54 10.20 12.22 -11.81
N PHE A 55 9.16 12.01 -11.01
CA PHE A 55 7.82 11.74 -11.53
C PHE A 55 7.08 13.05 -11.73
N GLY A 56 7.48 14.07 -10.97
N GLY A 56 6.04 11.94 -9.22
CA GLY A 56 6.83 15.37 -11.02
CA GLY A 56 5.30 13.17 -9.11
C GLY A 56 6.94 16.10 -9.70
C GLY A 56 5.77 14.15 -8.04
N VAL A 57 5.97 16.98 -9.42
N VAL A 57 5.50 15.43 -8.27
CA VAL A 57 5.96 17.78 -8.21
CA VAL A 57 5.78 16.47 -7.29
C VAL A 57 4.69 17.53 -7.40
C VAL A 57 4.47 16.95 -6.66
N VAL A 58 4.79 17.69 -6.08
N VAL A 58 4.41 16.94 -5.33
CA VAL A 58 3.61 17.65 -5.22
CA VAL A 58 3.18 17.31 -4.63
C VAL A 58 3.53 18.93 -4.37
C VAL A 58 3.26 18.69 -3.97
N TYR A 59 2.39 19.59 -4.41
CA TYR A 59 2.23 20.89 -3.75
C TYR A 59 1.15 20.80 -2.67
N GLN A 60 1.24 21.67 -1.68
CA GLN A 60 0.12 21.90 -0.78
C GLN A 60 -0.49 23.24 -1.16
N ALA A 61 -1.81 23.34 -1.07
CA ALA A 61 -2.50 24.60 -1.37
C ALA A 61 -3.76 24.75 -0.54
N LYS A 62 -4.32 25.96 -0.56
CA LYS A 62 -5.51 26.26 0.22
C LYS A 62 -6.63 26.72 -0.71
N LEU A 63 -7.75 26.01 -0.67
CA LEU A 63 -8.89 26.37 -1.50
C LEU A 63 -9.46 27.69 -1.02
N CYS A 64 -9.56 28.65 -1.93
CA CYS A 64 -10.04 29.99 -1.60
C CYS A 64 -11.45 29.97 -1.00
N ASP A 65 -12.30 29.09 -1.53
CA ASP A 65 -13.70 29.06 -1.13
C ASP A 65 -13.91 28.50 0.26
N SER A 66 -13.44 27.27 0.50
CA SER A 66 -13.70 26.59 1.77
C SER A 66 -12.59 26.81 2.80
N GLY A 67 -11.40 27.16 2.32
CA GLY A 67 -10.26 27.35 3.22
C GLY A 67 -9.54 26.04 3.53
N GLU A 68 -10.06 24.95 3.00
CA GLU A 68 -9.50 23.62 3.26
C GLU A 68 -8.16 23.44 2.57
N LEU A 69 -7.30 22.61 3.17
CA LEU A 69 -6.01 22.31 2.59
C LEU A 69 -6.12 21.12 1.64
N VAL A 70 -5.38 21.20 0.54
CA VAL A 70 -5.36 20.12 -0.44
C VAL A 70 -3.93 19.88 -0.91
N ALA A 71 -3.70 18.71 -1.47
CA ALA A 71 -2.42 18.40 -2.09
C ALA A 71 -2.61 18.35 -3.58
N ILE A 72 -1.67 18.91 -4.33
CA ILE A 72 -1.76 18.86 -5.78
C ILE A 72 -0.60 18.04 -6.33
N LYS A 73 -0.91 16.81 -6.73
CA LYS A 73 0.10 15.91 -7.29
C LYS A 73 0.23 16.16 -8.79
N LYS A 74 1.36 16.72 -9.19
CA LYS A 74 1.61 17.03 -10.59
C LYS A 74 2.51 15.97 -11.21
N VAL A 75 1.97 15.21 -12.15
CA VAL A 75 2.70 14.12 -12.78
C VAL A 75 2.77 14.29 -14.30
N LEU A 76 3.95 14.09 -14.86
CA LEU A 76 4.15 14.23 -16.30
C LEU A 76 3.46 13.12 -17.09
N GLN A 77 2.77 13.51 -18.15
CA GLN A 77 2.11 12.56 -19.03
C GLN A 77 3.12 11.74 -19.83
N ASP A 78 3.59 10.63 -19.24
CA ASP A 78 4.56 9.76 -19.90
C ASP A 78 3.86 8.79 -20.86
N LYS A 79 4.02 9.03 -22.16
CA LYS A 79 3.32 8.25 -23.17
C LYS A 79 3.98 6.90 -23.45
N ARG A 80 5.11 6.63 -22.82
CA ARG A 80 5.82 5.37 -23.03
C ARG A 80 5.30 4.24 -22.13
N PHE A 81 4.60 4.62 -21.06
CA PHE A 81 4.04 3.66 -20.13
C PHE A 81 2.52 3.81 -20.00
N LYS A 82 1.87 2.78 -19.48
CA LYS A 82 0.44 2.84 -19.20
C LYS A 82 0.19 3.77 -18.01
N ASN A 83 -0.59 4.82 -18.25
CA ASN A 83 -1.00 5.74 -17.19
C ASN A 83 -2.45 5.50 -16.83
N ARG A 84 -2.68 4.76 -15.74
CA ARG A 84 -4.02 4.41 -15.32
C ARG A 84 -4.44 5.14 -14.05
N GLU A 85 -3.55 5.96 -13.51
CA GLU A 85 -3.77 6.54 -12.18
C GLU A 85 -5.06 7.36 -12.10
N LEU A 86 -5.27 8.24 -13.07
CA LEU A 86 -6.49 9.04 -13.10
C LEU A 86 -7.74 8.16 -13.19
N GLN A 87 -7.77 7.27 -14.19
CA GLN A 87 -8.97 6.46 -14.41
C GLN A 87 -9.30 5.56 -13.22
N ILE A 88 -8.29 5.17 -12.46
CA ILE A 88 -8.51 4.30 -11.30
C ILE A 88 -9.01 5.09 -10.10
N MET A 89 -8.41 6.25 -9.84
CA MET A 89 -8.84 7.07 -8.70
C MET A 89 -10.28 7.56 -8.83
N ARG A 90 -10.71 7.83 -10.06
CA ARG A 90 -12.04 8.40 -10.30
C ARG A 90 -13.17 7.48 -9.89
N LYS A 91 -12.90 6.17 -9.85
CA LYS A 91 -13.94 5.21 -9.50
C LYS A 91 -13.88 4.81 -8.03
N LEU A 92 -12.89 5.33 -7.32
CA LEU A 92 -12.72 5.00 -5.90
C LEU A 92 -13.41 6.00 -4.99
N ASP A 93 -14.12 5.49 -4.00
CA ASP A 93 -14.74 6.32 -2.98
C ASP A 93 -14.85 5.52 -1.68
N HIS A 94 -13.91 5.75 -0.78
CA HIS A 94 -13.84 4.98 0.46
C HIS A 94 -13.14 5.81 1.54
N CYS A 95 -13.47 5.54 2.80
CA CYS A 95 -12.95 6.34 3.90
C CYS A 95 -11.47 6.08 4.22
N ASN A 96 -10.92 5.02 3.66
CA ASN A 96 -9.51 4.70 3.89
C ASN A 96 -8.67 4.82 2.61
N ILE A 97 -9.20 5.57 1.65
CA ILE A 97 -8.50 5.88 0.42
C ILE A 97 -8.55 7.39 0.23
N VAL A 98 -7.40 8.00 -0.07
CA VAL A 98 -7.35 9.46 -0.22
C VAL A 98 -8.30 9.95 -1.31
N ARG A 99 -9.09 10.96 -0.99
CA ARG A 99 -10.12 11.44 -1.91
C ARG A 99 -9.54 12.30 -3.02
N LEU A 100 -9.97 12.04 -4.25
CA LEU A 100 -9.64 12.89 -5.39
C LEU A 100 -10.73 13.95 -5.56
N ARG A 101 -10.39 15.19 -5.23
CA ARG A 101 -11.37 16.28 -5.31
C ARG A 101 -11.57 16.75 -6.75
N TYR A 102 -10.47 17.14 -7.40
CA TYR A 102 -10.54 17.62 -8.77
C TYR A 102 -9.31 17.16 -9.53
N PHE A 103 -9.36 17.27 -10.86
CA PHE A 103 -8.17 17.11 -11.68
C PHE A 103 -8.20 18.09 -12.85
N PHE A 104 -7.02 18.50 -13.29
CA PHE A 104 -6.92 19.38 -14.46
C PHE A 104 -5.57 19.20 -15.13
N TYR A 105 -5.47 19.67 -16.37
CA TYR A 105 -4.23 19.57 -17.12
C TYR A 105 -3.56 20.94 -17.24
N SER A 106 -2.24 20.93 -17.31
CA SER A 106 -1.48 22.17 -17.41
C SER A 106 -0.11 21.90 -18.04
N SER A 107 0.62 22.97 -18.32
CA SER A 107 1.97 22.85 -18.87
C SER A 107 3.00 22.87 -17.75
N LYS A 110 9.01 20.96 -18.52
CA LYS A 110 9.04 20.41 -19.86
C LYS A 110 8.07 21.15 -20.79
N LYS A 111 8.59 22.14 -21.50
CA LYS A 111 7.78 22.91 -22.44
C LYS A 111 7.31 22.03 -23.59
N ASP A 112 6.14 22.37 -24.15
CA ASP A 112 5.50 21.56 -25.18
C ASP A 112 5.23 20.13 -24.67
N GLU A 113 4.78 20.05 -23.43
CA GLU A 113 4.41 18.77 -22.81
C GLU A 113 3.32 19.00 -21.76
N VAL A 114 2.42 18.03 -21.61
CA VAL A 114 1.27 18.18 -20.72
C VAL A 114 1.45 17.46 -19.39
N TYR A 115 0.99 18.12 -18.32
CA TYR A 115 1.03 17.56 -16.98
C TYR A 115 -0.37 17.32 -16.43
N LEU A 116 -0.52 16.22 -15.70
CA LEU A 116 -1.78 15.93 -15.02
C LEU A 116 -1.71 16.41 -13.58
N ASN A 117 -2.69 17.19 -13.16
CA ASN A 117 -2.75 17.67 -11.79
C ASN A 117 -3.87 16.99 -11.02
N LEU A 118 -3.52 16.37 -9.90
CA LEU A 118 -4.50 15.68 -9.08
C LEU A 118 -4.68 16.43 -7.78
N VAL A 119 -5.90 16.92 -7.55
CA VAL A 119 -6.20 17.63 -6.32
C VAL A 119 -6.82 16.68 -5.31
N LEU A 120 -6.08 16.41 -4.25
CA LEU A 120 -6.48 15.42 -3.25
C LEU A 120 -6.70 16.08 -1.90
N ASP A 121 -7.41 15.38 -1.02
CA ASP A 121 -7.44 15.79 0.38
C ASP A 121 -6.02 15.82 0.93
N TYR A 122 -5.71 16.82 1.74
CA TYR A 122 -4.39 16.90 2.35
C TYR A 122 -4.36 16.08 3.63
N VAL A 123 -3.40 15.18 3.73
CA VAL A 123 -3.20 14.39 4.94
C VAL A 123 -1.75 14.59 5.38
N PRO A 124 -1.55 15.06 6.62
CA PRO A 124 -0.25 15.58 7.05
C PRO A 124 0.88 14.56 7.26
N GLU A 125 0.56 13.31 7.61
CA GLU A 125 1.61 12.35 7.95
C GLU A 125 1.54 11.05 7.14
N THR A 126 2.56 10.22 7.30
CA THR A 126 2.53 8.86 6.75
C THR A 126 2.94 7.86 7.82
N VAL A 127 2.60 6.60 7.58
CA VAL A 127 2.99 5.51 8.46
C VAL A 127 4.51 5.44 8.55
N TYR A 128 5.19 5.66 7.43
CA TYR A 128 6.64 5.65 7.43
C TYR A 128 7.24 6.69 8.37
N ARG A 129 6.76 7.93 8.28
CA ARG A 129 7.28 9.01 9.12
C ARG A 129 6.99 8.77 10.60
N VAL A 130 5.80 8.27 10.89
CA VAL A 130 5.46 7.92 12.26
C VAL A 130 6.35 6.80 12.80
N ALA A 131 6.54 5.76 11.99
CA ALA A 131 7.38 4.63 12.41
C ALA A 131 8.82 5.08 12.60
N ARG A 132 9.29 5.99 11.76
CA ARG A 132 10.66 6.50 11.89
C ARG A 132 10.87 7.29 13.18
N HIS A 133 9.82 7.90 13.71
CA HIS A 133 9.96 8.60 14.98
C HIS A 133 10.29 7.61 16.08
N TYR A 134 9.55 6.52 16.11
CA TYR A 134 9.72 5.50 17.13
C TYR A 134 11.07 4.78 17.01
N SER A 135 11.54 4.61 15.78
N SER A 135 11.54 4.61 15.78
CA SER A 135 12.82 3.94 15.54
CA SER A 135 12.82 3.95 15.53
C SER A 135 13.99 4.73 16.09
C SER A 135 13.97 4.75 16.13
N ARG A 136 14.06 6.03 15.80
CA ARG A 136 15.14 6.86 16.31
C ARG A 136 14.95 7.26 17.78
N ALA A 137 13.78 6.97 18.32
CA ALA A 137 13.53 7.14 19.74
C ALA A 137 13.78 5.83 20.48
N LYS A 138 13.98 4.77 19.72
CA LYS A 138 14.18 3.43 20.29
C LYS A 138 12.99 2.99 21.12
N GLN A 139 11.80 3.22 20.57
CA GLN A 139 10.55 2.78 21.18
C GLN A 139 9.81 1.96 20.16
N THR A 140 8.90 1.11 20.62
CA THR A 140 8.06 0.38 19.70
C THR A 140 6.74 1.13 19.55
N LEU A 141 6.19 1.15 18.33
CA LEU A 141 4.85 1.68 18.11
C LEU A 141 3.85 0.86 18.94
N PRO A 142 3.09 1.54 19.82
CA PRO A 142 2.11 0.85 20.66
C PRO A 142 1.17 -0.02 19.83
N VAL A 143 0.84 -1.18 20.36
CA VAL A 143 0.08 -2.18 19.61
C VAL A 143 -1.24 -1.63 19.09
N ILE A 144 -1.86 -0.74 19.86
CA ILE A 144 -3.16 -0.18 19.49
C ILE A 144 -3.09 0.53 18.13
N TYR A 145 -2.00 1.25 17.88
CA TYR A 145 -1.83 1.92 16.61
C TYR A 145 -1.53 0.92 15.49
N VAL A 146 -0.79 -0.12 15.83
CA VAL A 146 -0.51 -1.19 14.88
C VAL A 146 -1.83 -1.84 14.43
N LYS A 147 -2.69 -2.14 15.40
CA LYS A 147 -4.02 -2.69 15.10
C LYS A 147 -4.83 -1.73 14.23
N LEU A 148 -4.87 -0.46 14.62
CA LEU A 148 -5.68 0.54 13.91
C LEU A 148 -5.20 0.77 12.49
N TYR A 149 -3.89 0.90 12.31
CA TYR A 149 -3.34 1.19 11.00
C TYR A 149 -3.48 -0.02 10.06
N MET A 150 -3.15 -1.20 10.56
CA MET A 150 -3.24 -2.41 9.75
C MET A 150 -4.69 -2.71 9.36
N TYR A 151 -5.61 -2.54 10.30
CA TYR A 151 -7.03 -2.81 10.04
C TYR A 151 -7.55 -1.93 8.91
N GLN A 152 -7.21 -0.65 8.97
CA GLN A 152 -7.70 0.30 7.96
C GLN A 152 -7.05 0.03 6.60
N LEU A 153 -5.79 -0.40 6.62
CA LEU A 153 -5.12 -0.82 5.39
C LEU A 153 -5.87 -1.97 4.73
N PHE A 154 -6.21 -2.98 5.53
CA PHE A 154 -6.94 -4.14 5.02
C PHE A 154 -8.33 -3.78 4.49
N ARG A 155 -8.96 -2.80 5.13
CA ARG A 155 -10.27 -2.33 4.66
C ARG A 155 -10.14 -1.74 3.27
N SER A 156 -9.14 -0.88 3.08
CA SER A 156 -8.95 -0.23 1.78
C SER A 156 -8.59 -1.27 0.72
N LEU A 157 -7.86 -2.30 1.11
CA LEU A 157 -7.52 -3.38 0.19
C LEU A 157 -8.75 -4.20 -0.19
N ALA A 158 -9.56 -4.51 0.80
CA ALA A 158 -10.81 -5.24 0.55
C ALA A 158 -11.66 -4.47 -0.43
N TYR A 159 -11.62 -3.14 -0.32
CA TYR A 159 -12.40 -2.28 -1.20
C TYR A 159 -11.89 -2.29 -2.64
N ILE A 160 -10.60 -1.98 -2.83
CA ILE A 160 -10.05 -1.93 -4.18
C ILE A 160 -10.00 -3.32 -4.85
N HIS A 161 -9.87 -4.37 -4.06
CA HIS A 161 -9.83 -5.72 -4.61
C HIS A 161 -11.22 -6.18 -5.08
N SER A 162 -12.27 -5.62 -4.51
CA SER A 162 -13.63 -5.98 -4.90
C SER A 162 -13.96 -5.44 -6.30
N PHE A 163 -13.15 -4.49 -6.77
CA PHE A 163 -13.27 -3.97 -8.13
C PHE A 163 -12.28 -4.65 -9.06
N GLY A 164 -11.49 -5.56 -8.52
CA GLY A 164 -10.46 -6.25 -9.29
C GLY A 164 -9.19 -5.43 -9.41
N ILE A 165 -9.14 -4.31 -8.68
CA ILE A 165 -7.99 -3.43 -8.72
C ILE A 165 -6.92 -3.85 -7.73
N CYS A 166 -5.69 -3.98 -8.23
CA CYS A 166 -4.55 -4.31 -7.39
C CYS A 166 -3.65 -3.07 -7.31
N HIS A 167 -3.28 -2.67 -6.10
CA HIS A 167 -2.49 -1.47 -5.87
C HIS A 167 -1.07 -1.57 -6.46
N ARG A 168 -0.41 -2.69 -6.18
CA ARG A 168 0.93 -3.01 -6.71
C ARG A 168 2.05 -2.11 -6.18
N ASP A 169 1.78 -1.33 -5.13
CA ASP A 169 2.83 -0.53 -4.50
C ASP A 169 2.53 -0.21 -3.04
N ILE A 170 2.04 -1.22 -2.32
CA ILE A 170 1.78 -1.09 -0.90
C ILE A 170 3.08 -1.00 -0.10
N LYS A 171 3.18 0.05 0.70
CA LYS A 171 4.35 0.29 1.55
C LYS A 171 4.08 1.47 2.50
N PRO A 172 4.85 1.59 3.60
CA PRO A 172 4.51 2.60 4.62
C PRO A 172 4.45 4.04 4.07
N GLN A 173 5.25 4.36 3.07
CA GLN A 173 5.30 5.70 2.50
C GLN A 173 4.01 6.04 1.75
N ASN A 174 3.24 5.02 1.41
CA ASN A 174 1.98 5.23 0.69
C ASN A 174 0.75 5.16 1.58
N LEU A 175 0.98 5.12 2.89
CA LEU A 175 -0.11 5.07 3.84
C LEU A 175 -0.17 6.38 4.62
N LEU A 176 -1.09 7.25 4.21
CA LEU A 176 -1.25 8.56 4.84
C LEU A 176 -1.98 8.46 6.18
N LEU A 177 -1.56 9.29 7.13
CA LEU A 177 -2.13 9.28 8.47
C LEU A 177 -2.53 10.67 8.89
N ASP A 178 -3.72 10.79 9.48
CA ASP A 178 -4.05 11.95 10.30
C ASP A 178 -3.93 11.46 11.73
N PRO A 179 -2.79 11.73 12.37
CA PRO A 179 -2.49 11.13 13.68
C PRO A 179 -3.40 11.65 14.80
N ASP A 180 -4.09 12.77 14.57
CA ASP A 180 -5.04 13.26 15.54
C ASP A 180 -6.26 12.36 15.62
N THR A 181 -6.75 11.90 14.47
CA THR A 181 -7.92 11.05 14.42
C THR A 181 -7.54 9.59 14.19
N ALA A 182 -6.25 9.34 13.96
CA ALA A 182 -5.72 8.01 13.68
C ALA A 182 -6.34 7.37 12.44
N VAL A 183 -6.79 8.21 11.51
CA VAL A 183 -7.35 7.76 10.24
C VAL A 183 -6.25 7.51 9.23
N LEU A 184 -6.27 6.31 8.64
CA LEU A 184 -5.30 5.96 7.60
C LEU A 184 -5.94 6.06 6.23
N LYS A 185 -5.22 6.66 5.29
CA LYS A 185 -5.69 6.71 3.91
C LYS A 185 -4.64 6.19 2.93
N LEU A 186 -5.03 5.22 2.12
CA LEU A 186 -4.16 4.66 1.11
C LEU A 186 -4.02 5.65 -0.06
N CYS A 187 -2.80 5.82 -0.56
CA CYS A 187 -2.58 6.75 -1.67
C CYS A 187 -1.64 6.18 -2.73
N ASP A 188 -1.36 6.99 -3.74
CA ASP A 188 -0.45 6.63 -4.83
C ASP A 188 -0.95 5.44 -5.64
N PHE A 189 -1.75 5.71 -6.66
CA PHE A 189 -2.28 4.67 -7.53
C PHE A 189 -1.61 4.68 -8.90
N GLY A 190 -0.40 5.21 -8.96
CA GLY A 190 0.37 5.24 -10.20
C GLY A 190 0.85 3.88 -10.68
N SER A 191 0.78 2.87 -9.82
CA SER A 191 1.19 1.51 -10.19
C SER A 191 -0.02 0.60 -10.28
N ALA A 192 -1.16 1.07 -9.78
CA ALA A 192 -2.37 0.26 -9.70
C ALA A 192 -2.86 -0.21 -11.06
N LYS A 193 -3.55 -1.34 -11.08
CA LYS A 193 -4.02 -1.93 -12.32
C LYS A 193 -5.15 -2.91 -12.01
N GLN A 194 -6.12 -3.00 -12.91
CA GLN A 194 -7.13 -4.02 -12.81
C GLN A 194 -6.64 -5.33 -13.42
N LEU A 195 -6.36 -6.31 -12.58
CA LEU A 195 -5.81 -7.58 -13.04
C LEU A 195 -6.91 -8.43 -13.68
N VAL A 196 -6.60 -8.99 -14.84
CA VAL A 196 -7.52 -9.87 -15.54
C VAL A 196 -6.88 -11.24 -15.75
N ARG A 197 -7.45 -12.26 -15.11
CA ARG A 197 -6.97 -13.63 -15.24
C ARG A 197 -6.90 -14.02 -16.70
N GLY A 198 -5.68 -14.22 -17.21
CA GLY A 198 -5.49 -14.56 -18.61
C GLY A 198 -4.66 -13.55 -19.36
N GLU A 199 -4.56 -12.34 -18.80
CA GLU A 199 -3.74 -11.30 -19.40
C GLU A 199 -2.50 -11.03 -18.55
N PRO A 200 -1.31 -11.16 -19.16
CA PRO A 200 -0.04 -10.99 -18.46
C PRO A 200 0.17 -9.58 -17.92
N ASN A 201 0.92 -9.47 -16.82
CA ASN A 201 1.25 -8.20 -16.21
C ASN A 201 2.75 -8.08 -16.07
N VAL A 202 3.26 -6.89 -15.80
CA VAL A 202 4.68 -6.70 -15.63
C VAL A 202 5.13 -7.21 -14.26
N SER A 203 6.22 -7.95 -14.22
CA SER A 203 6.69 -8.57 -12.98
C SER A 203 7.53 -7.62 -12.14
N TYR A 204 8.32 -6.78 -12.79
CA TYR A 204 9.12 -5.80 -12.05
C TYR A 204 8.25 -4.66 -11.56
N ILE A 205 7.42 -4.95 -10.56
CA ILE A 205 6.53 -3.97 -9.98
C ILE A 205 6.68 -4.06 -8.45
N CYS A 206 6.06 -3.14 -7.72
CA CYS A 206 6.22 -3.02 -6.26
CA CYS A 206 6.23 -3.03 -6.26
C CYS A 206 7.63 -2.55 -5.87
N SER A 207 7.72 -1.90 -4.71
CA SER A 207 8.98 -1.32 -4.26
C SER A 207 9.81 -2.34 -3.52
N ARG A 208 11.13 -2.17 -3.56
CA ARG A 208 12.05 -3.03 -2.81
C ARG A 208 11.61 -3.11 -1.34
N TYR A 209 11.86 -4.28 -0.74
CA TYR A 209 11.45 -4.63 0.63
C TYR A 209 10.01 -5.17 0.70
N TYR A 210 9.17 -4.76 -0.24
CA TYR A 210 7.75 -5.12 -0.17
C TYR A 210 7.25 -5.98 -1.34
N ARG A 211 8.18 -6.43 -2.17
CA ARG A 211 7.86 -7.24 -3.35
CA ARG A 211 7.87 -7.23 -3.35
C ARG A 211 7.58 -8.68 -2.97
N ALA A 212 6.42 -9.19 -3.38
CA ALA A 212 6.06 -10.59 -3.12
C ALA A 212 7.04 -11.54 -3.82
N PRO A 213 7.26 -12.74 -3.25
CA PRO A 213 8.22 -13.68 -3.84
C PRO A 213 7.90 -14.06 -5.29
N GLU A 214 6.62 -14.21 -5.62
CA GLU A 214 6.28 -14.55 -7.00
C GLU A 214 6.72 -13.47 -7.99
N LEU A 215 6.74 -12.22 -7.51
CA LEU A 215 7.19 -11.11 -8.34
C LEU A 215 8.70 -11.15 -8.55
N ILE A 216 9.42 -11.49 -7.49
CA ILE A 216 10.87 -11.62 -7.54
C ILE A 216 11.26 -12.77 -8.49
N PHE A 217 10.47 -13.84 -8.47
CA PHE A 217 10.68 -14.96 -9.37
C PHE A 217 10.22 -14.64 -10.80
N GLY A 218 9.71 -13.43 -11.00
CA GLY A 218 9.37 -12.96 -12.33
C GLY A 218 8.04 -13.39 -12.91
N ALA A 219 7.10 -13.76 -12.04
CA ALA A 219 5.77 -14.16 -12.48
C ALA A 219 5.03 -12.99 -13.14
N THR A 220 4.34 -13.29 -14.24
CA THR A 220 3.56 -12.29 -14.96
C THR A 220 2.07 -12.53 -14.79
N ASP A 221 1.73 -13.63 -14.11
CA ASP A 221 0.34 -14.04 -13.97
C ASP A 221 -0.18 -13.90 -12.54
N TYR A 222 0.46 -13.04 -11.76
CA TYR A 222 0.11 -12.86 -10.36
C TYR A 222 -1.28 -12.28 -10.14
N THR A 223 -1.74 -12.30 -8.89
CA THR A 223 -3.05 -11.77 -8.54
C THR A 223 -2.94 -10.65 -7.50
N SER A 224 -4.08 -10.28 -6.93
CA SER A 224 -4.14 -9.18 -5.97
C SER A 224 -3.48 -9.54 -4.64
N SER A 225 -3.17 -10.82 -4.47
CA SER A 225 -2.59 -11.29 -3.21
C SER A 225 -1.17 -10.76 -2.98
N ILE A 226 -0.57 -10.17 -4.01
CA ILE A 226 0.70 -9.48 -3.83
C ILE A 226 0.56 -8.28 -2.89
N ASP A 227 -0.63 -7.68 -2.85
CA ASP A 227 -0.89 -6.55 -1.97
C ASP A 227 -0.92 -7.02 -0.52
N VAL A 228 -1.41 -8.25 -0.33
CA VAL A 228 -1.49 -8.83 1.00
C VAL A 228 -0.09 -9.13 1.55
N TRP A 229 0.80 -9.63 0.69
CA TRP A 229 2.18 -9.86 1.08
C TRP A 229 2.83 -8.54 1.52
N SER A 230 2.70 -7.53 0.68
CA SER A 230 3.21 -6.20 1.01
C SER A 230 2.69 -5.70 2.37
N ALA A 231 1.40 -5.91 2.62
CA ALA A 231 0.79 -5.53 3.90
C ALA A 231 1.42 -6.30 5.06
N GLY A 232 1.70 -7.58 4.83
CA GLY A 232 2.36 -8.42 5.81
C GLY A 232 3.73 -7.89 6.16
N CYS A 233 4.42 -7.33 5.16
CA CYS A 233 5.71 -6.68 5.37
C CYS A 233 5.59 -5.39 6.19
N VAL A 234 4.52 -4.63 5.96
CA VAL A 234 4.27 -3.42 6.73
C VAL A 234 4.02 -3.78 8.19
N LEU A 235 3.14 -4.75 8.41
CA LEU A 235 2.85 -5.24 9.75
C LEU A 235 4.14 -5.65 10.48
N ALA A 236 4.95 -6.47 9.82
CA ALA A 236 6.21 -6.95 10.38
C ALA A 236 7.15 -5.80 10.70
N GLU A 237 7.23 -4.84 9.78
CA GLU A 237 8.05 -3.64 9.97
C GLU A 237 7.65 -2.87 11.22
N LEU A 238 6.34 -2.71 11.44
CA LEU A 238 5.84 -1.95 12.58
C LEU A 238 6.22 -2.65 13.89
N LEU A 239 6.17 -3.98 13.88
CA LEU A 239 6.51 -4.77 15.06
C LEU A 239 8.01 -4.79 15.31
N LEU A 240 8.78 -4.77 14.24
CA LEU A 240 10.23 -4.95 14.32
C LEU A 240 10.99 -3.64 14.50
N GLY A 241 10.49 -2.56 13.90
CA GLY A 241 11.18 -1.27 13.95
C GLY A 241 12.07 -1.04 12.74
N GLN A 242 12.09 -2.02 11.83
CA GLN A 242 12.86 -1.92 10.60
C GLN A 242 12.29 -2.91 9.58
N PRO A 243 12.62 -2.72 8.28
CA PRO A 243 12.14 -3.67 7.26
C PRO A 243 12.59 -5.10 7.56
N ILE A 244 11.70 -6.07 7.35
CA ILE A 244 12.02 -7.46 7.63
C ILE A 244 12.81 -8.13 6.50
N PHE A 245 12.59 -7.67 5.26
CA PHE A 245 13.25 -8.25 4.09
C PHE A 245 14.02 -7.21 3.28
N PRO A 246 15.08 -6.63 3.86
CA PRO A 246 15.81 -5.62 3.09
C PRO A 246 16.72 -6.27 2.05
N GLY A 247 17.41 -5.46 1.26
CA GLY A 247 18.21 -5.97 0.17
C GLY A 247 18.04 -5.13 -1.08
N ASP A 248 19.14 -4.89 -1.80
CA ASP A 248 19.08 -4.04 -2.99
C ASP A 248 18.46 -4.74 -4.19
N SER A 249 18.80 -6.00 -4.39
CA SER A 249 18.31 -6.74 -5.56
C SER A 249 17.26 -7.77 -5.16
N GLY A 250 16.69 -8.42 -6.17
CA GLY A 250 15.71 -9.47 -5.95
C GLY A 250 16.28 -10.66 -5.21
N VAL A 251 17.51 -11.05 -5.57
CA VAL A 251 18.15 -12.18 -4.90
C VAL A 251 18.43 -11.86 -3.44
N ASP A 252 18.90 -10.65 -3.18
CA ASP A 252 19.15 -10.19 -1.81
C ASP A 252 17.90 -10.32 -0.95
N GLN A 253 16.76 -9.93 -1.51
CA GLN A 253 15.50 -9.96 -0.79
C GLN A 253 14.98 -11.39 -0.61
N LEU A 254 15.10 -12.19 -1.66
CA LEU A 254 14.64 -13.57 -1.61
C LEU A 254 15.43 -14.37 -0.57
N VAL A 255 16.71 -14.05 -0.43
CA VAL A 255 17.55 -14.66 0.59
C VAL A 255 17.04 -14.35 1.99
N GLU A 256 16.73 -13.07 2.24
CA GLU A 256 16.15 -12.66 3.51
C GLU A 256 14.83 -13.38 3.80
N ILE A 257 13.99 -13.45 2.77
CA ILE A 257 12.73 -14.19 2.87
C ILE A 257 12.98 -15.65 3.21
N ILE A 258 13.89 -16.28 2.47
CA ILE A 258 14.21 -17.67 2.70
C ILE A 258 14.80 -17.89 4.10
N LYS A 259 15.60 -16.93 4.56
CA LYS A 259 16.16 -17.01 5.89
C LYS A 259 15.10 -16.97 7.00
N VAL A 260 13.90 -16.53 6.67
CA VAL A 260 12.81 -16.52 7.65
C VAL A 260 11.83 -17.68 7.41
N LEU A 261 11.36 -17.80 6.17
CA LEU A 261 10.35 -18.81 5.84
C LEU A 261 10.95 -20.19 5.58
N GLY A 262 12.26 -20.25 5.36
CA GLY A 262 12.87 -21.49 4.91
C GLY A 262 12.72 -21.61 3.41
N THR A 263 13.49 -22.51 2.80
CA THR A 263 13.41 -22.74 1.36
C THR A 263 12.01 -23.20 0.99
N PRO A 264 11.40 -22.57 -0.03
CA PRO A 264 10.08 -22.98 -0.49
C PRO A 264 10.13 -24.38 -1.09
N THR A 265 9.07 -25.16 -0.88
CA THR A 265 9.00 -26.50 -1.44
C THR A 265 8.75 -26.37 -2.94
N ARG A 266 8.80 -27.50 -3.65
N ARG A 266 8.81 -27.50 -3.65
CA ARG A 266 8.58 -27.50 -5.09
CA ARG A 266 8.58 -27.51 -5.09
C ARG A 266 7.16 -27.08 -5.44
C ARG A 266 7.16 -27.05 -5.42
N GLU A 267 6.20 -27.54 -4.65
CA GLU A 267 4.81 -27.16 -4.84
C GLU A 267 4.61 -25.66 -4.65
N GLN A 268 5.28 -25.10 -3.64
CA GLN A 268 5.22 -23.66 -3.40
C GLN A 268 5.88 -22.88 -4.53
N ILE A 269 7.05 -23.34 -4.97
CA ILE A 269 7.74 -22.74 -6.10
C ILE A 269 6.83 -22.79 -7.34
N ARG A 270 6.10 -23.88 -7.50
CA ARG A 270 5.19 -24.04 -8.63
C ARG A 270 4.05 -23.03 -8.58
N GLU A 271 3.55 -22.76 -7.37
CA GLU A 271 2.45 -21.80 -7.19
C GLU A 271 2.92 -20.38 -7.52
N MET A 272 4.19 -20.10 -7.26
CA MET A 272 4.77 -18.80 -7.56
C MET A 272 5.17 -18.67 -9.04
N ASN A 273 5.99 -19.60 -9.51
CA ASN A 273 6.46 -19.59 -10.90
C ASN A 273 6.97 -20.95 -11.34
N PRO A 274 6.17 -21.67 -12.14
CA PRO A 274 6.46 -23.03 -12.63
C PRO A 274 7.84 -23.18 -13.27
N ASN A 275 8.38 -22.12 -13.85
CA ASN A 275 9.69 -22.19 -14.52
C ASN A 275 10.88 -22.42 -13.60
N TYR A 276 10.65 -22.45 -12.29
CA TYR A 276 11.72 -22.64 -11.33
C TYR A 276 11.63 -23.98 -10.58
N THR A 277 10.65 -24.79 -10.95
CA THR A 277 10.38 -26.05 -10.26
C THR A 277 11.50 -27.10 -10.32
N GLU A 278 12.40 -26.99 -11.29
CA GLU A 278 13.38 -28.05 -11.50
C GLU A 278 14.81 -27.73 -11.05
N PHE A 279 14.97 -26.61 -10.36
CA PHE A 279 16.28 -26.25 -9.79
C PHE A 279 16.41 -26.80 -8.37
N LYS A 280 17.62 -27.25 -8.03
CA LYS A 280 17.88 -27.80 -6.71
C LYS A 280 18.43 -26.73 -5.78
N PHE A 281 17.54 -25.99 -5.13
CA PHE A 281 17.94 -24.97 -4.18
C PHE A 281 18.35 -25.63 -2.88
N PRO A 282 19.42 -25.12 -2.25
CA PRO A 282 19.84 -25.62 -0.94
C PRO A 282 18.69 -25.48 0.05
N GLN A 283 18.55 -26.44 0.95
CA GLN A 283 17.42 -26.51 1.85
C GLN A 283 17.72 -25.80 3.17
N ILE A 284 17.25 -24.56 3.29
CA ILE A 284 17.45 -23.76 4.49
C ILE A 284 16.25 -23.85 5.42
N LYS A 285 16.50 -24.09 6.71
CA LYS A 285 15.43 -24.25 7.69
C LYS A 285 14.77 -22.93 8.05
N ALA A 286 13.48 -22.98 8.36
CA ALA A 286 12.72 -21.79 8.71
C ALA A 286 13.09 -21.29 10.10
N HIS A 287 13.08 -19.97 10.26
CA HIS A 287 13.28 -19.33 11.54
C HIS A 287 11.89 -19.08 12.13
N PRO A 288 11.60 -19.67 13.30
CA PRO A 288 10.28 -19.57 13.93
C PRO A 288 9.89 -18.12 14.16
N TRP A 289 8.64 -17.77 13.83
CA TRP A 289 8.19 -16.38 13.91
C TRP A 289 8.36 -15.76 15.29
N THR A 290 8.17 -16.54 16.34
CA THR A 290 8.30 -16.04 17.71
C THR A 290 9.74 -15.67 18.04
N LYS A 291 10.67 -16.07 17.18
CA LYS A 291 12.07 -15.74 17.36
C LYS A 291 12.47 -14.60 16.44
N VAL A 292 11.62 -14.31 15.46
CA VAL A 292 11.84 -13.21 14.53
C VAL A 292 11.54 -11.88 15.20
N PHE A 293 10.47 -11.84 15.99
CA PHE A 293 10.05 -10.63 16.69
C PHE A 293 10.53 -10.64 18.14
N ARG A 294 10.45 -9.48 18.79
CA ARG A 294 10.83 -9.34 20.19
C ARG A 294 9.94 -10.21 21.06
N PRO A 295 10.44 -10.62 22.24
CA PRO A 295 9.65 -11.49 23.13
C PRO A 295 8.39 -10.86 23.69
N ARG A 296 8.25 -9.54 23.57
CA ARG A 296 7.06 -8.86 24.10
C ARG A 296 5.91 -8.85 23.09
N THR A 297 6.21 -9.23 21.87
CA THR A 297 5.24 -9.21 20.76
C THR A 297 4.00 -10.07 21.05
N PRO A 298 2.80 -9.50 20.81
CA PRO A 298 1.54 -10.23 21.02
C PRO A 298 1.41 -11.43 20.09
N PRO A 299 1.00 -12.59 20.64
CA PRO A 299 0.86 -13.85 19.90
C PRO A 299 -0.01 -13.74 18.66
N GLU A 300 -1.11 -12.99 18.74
CA GLU A 300 -2.04 -12.89 17.62
C GLU A 300 -1.50 -12.03 16.48
N ALA A 301 -0.57 -11.13 16.80
CA ALA A 301 0.09 -10.35 15.76
C ALA A 301 1.02 -11.27 14.97
N ILE A 302 1.69 -12.15 15.69
CA ILE A 302 2.59 -13.13 15.09
C ILE A 302 1.80 -14.10 14.22
N ALA A 303 0.66 -14.56 14.74
CA ALA A 303 -0.23 -15.46 14.01
C ALA A 303 -0.73 -14.82 12.72
N LEU A 304 -1.21 -13.59 12.82
CA LEU A 304 -1.71 -12.88 11.66
C LEU A 304 -0.61 -12.70 10.62
N CYS A 305 0.58 -12.33 11.10
CA CYS A 305 1.70 -12.08 10.20
C CYS A 305 2.11 -13.35 9.44
N SER A 306 2.03 -14.50 10.10
CA SER A 306 2.41 -15.75 9.46
C SER A 306 1.39 -16.20 8.41
N ARG A 307 0.17 -15.68 8.52
CA ARG A 307 -0.88 -16.00 7.56
C ARG A 307 -0.92 -15.02 6.40
N LEU A 308 -0.08 -13.99 6.47
CA LEU A 308 0.04 -13.03 5.39
C LEU A 308 1.30 -13.32 4.58
N LEU A 309 2.38 -13.61 5.29
CA LEU A 309 3.66 -13.87 4.64
C LEU A 309 3.80 -15.35 4.28
N GLU A 310 3.03 -15.78 3.29
CA GLU A 310 3.03 -17.16 2.81
C GLU A 310 3.58 -17.21 1.38
N TYR A 311 4.34 -18.25 1.07
CA TYR A 311 4.85 -18.45 -0.29
C TYR A 311 3.71 -18.59 -1.28
N THR A 312 2.81 -19.54 -1.03
CA THR A 312 1.68 -19.80 -1.91
C THR A 312 0.66 -18.67 -1.82
N PRO A 313 0.51 -17.91 -2.92
CA PRO A 313 -0.36 -16.73 -2.98
C PRO A 313 -1.80 -17.02 -2.57
N THR A 314 -2.32 -18.20 -2.90
CA THR A 314 -3.70 -18.55 -2.57
C THR A 314 -3.86 -18.94 -1.10
N ALA A 315 -2.75 -19.13 -0.40
CA ALA A 315 -2.79 -19.50 1.01
C ALA A 315 -2.87 -18.27 1.92
N ARG A 316 -2.46 -17.12 1.38
CA ARG A 316 -2.54 -15.87 2.13
C ARG A 316 -3.99 -15.50 2.43
N LEU A 317 -4.21 -14.86 3.56
CA LEU A 317 -5.53 -14.33 3.90
C LEU A 317 -5.96 -13.31 2.85
N THR A 318 -7.27 -13.27 2.58
CA THR A 318 -7.84 -12.14 1.84
C THR A 318 -7.89 -10.94 2.79
N PRO A 319 -7.89 -9.71 2.25
CA PRO A 319 -7.96 -8.51 3.09
C PRO A 319 -9.15 -8.54 4.05
N LEU A 320 -10.31 -8.97 3.58
CA LEU A 320 -11.51 -9.03 4.41
C LEU A 320 -11.35 -10.04 5.55
N GLU A 321 -10.69 -11.16 5.25
CA GLU A 321 -10.43 -12.18 6.28
C GLU A 321 -9.46 -11.66 7.32
N ALA A 322 -8.49 -10.86 6.89
CA ALA A 322 -7.51 -10.28 7.79
C ALA A 322 -8.18 -9.35 8.80
N CYS A 323 -9.14 -8.57 8.33
CA CYS A 323 -9.92 -7.69 9.21
C CYS A 323 -10.62 -8.46 10.32
N ALA A 324 -11.02 -9.69 10.00
CA ALA A 324 -11.76 -10.52 10.95
C ALA A 324 -10.85 -11.29 11.91
N HIS A 325 -9.54 -11.12 11.73
CA HIS A 325 -8.55 -11.87 12.52
C HIS A 325 -8.56 -11.45 13.99
N SER A 326 -8.22 -12.39 14.88
CA SER A 326 -8.27 -12.18 16.32
C SER A 326 -7.41 -11.03 16.82
N PHE A 327 -6.42 -10.64 16.02
CA PHE A 327 -5.51 -9.55 16.38
C PHE A 327 -6.25 -8.22 16.52
N PHE A 328 -7.35 -8.07 15.78
CA PHE A 328 -8.09 -6.81 15.78
C PHE A 328 -9.30 -6.81 16.72
N ASP A 329 -9.36 -7.79 17.61
CA ASP A 329 -10.49 -7.91 18.53
C ASP A 329 -10.66 -6.69 19.43
N GLU A 330 -9.54 -6.10 19.84
CA GLU A 330 -9.59 -4.92 20.71
C GLU A 330 -10.35 -3.76 20.05
N LEU A 331 -10.25 -3.65 18.73
CA LEU A 331 -10.91 -2.59 17.99
C LEU A 331 -12.42 -2.78 17.97
N ARG A 332 -12.87 -4.01 18.21
CA ARG A 332 -14.30 -4.31 18.20
C ARG A 332 -14.90 -4.21 19.60
N ASP A 333 -14.12 -3.69 20.54
CA ASP A 333 -14.59 -3.44 21.89
C ASP A 333 -15.27 -2.07 21.92
N PRO A 334 -16.49 -2.00 22.48
CA PRO A 334 -17.22 -0.73 22.57
C PRO A 334 -16.49 0.29 23.44
N ASN A 335 -15.74 -0.20 24.44
CA ASN A 335 -15.06 0.67 25.39
C ASN A 335 -13.68 1.14 24.94
N VAL A 336 -13.27 0.76 23.73
CA VAL A 336 -11.93 1.10 23.26
C VAL A 336 -11.79 2.59 22.94
N LYS A 337 -10.61 3.15 23.21
CA LYS A 337 -10.36 4.57 22.97
C LYS A 337 -8.90 4.85 22.63
N LEU A 338 -8.68 5.91 21.85
CA LEU A 338 -7.33 6.35 21.51
C LEU A 338 -6.59 6.83 22.76
N PRO A 339 -5.26 6.68 22.77
CA PRO A 339 -4.41 7.16 23.87
C PRO A 339 -4.55 8.67 24.12
N ASN A 340 -4.96 9.42 23.11
CA ASN A 340 -5.12 10.86 23.25
C ASN A 340 -6.45 11.26 23.90
N GLY A 341 -7.36 10.30 23.98
CA GLY A 341 -8.64 10.54 24.64
C GLY A 341 -9.84 10.40 23.70
N ARG A 342 -9.60 10.61 22.41
CA ARG A 342 -10.69 10.55 21.43
C ARG A 342 -11.14 9.12 21.15
N ASP A 343 -12.28 9.00 20.49
CA ASP A 343 -12.79 7.71 20.06
C ASP A 343 -12.05 7.22 18.83
N THR A 344 -12.14 5.93 18.55
CA THR A 344 -11.57 5.37 17.34
C THR A 344 -12.35 5.87 16.14
N PRO A 345 -11.73 5.89 14.95
CA PRO A 345 -12.41 6.25 13.70
C PRO A 345 -13.59 5.31 13.40
N ALA A 346 -14.32 5.58 12.32
CA ALA A 346 -15.40 4.70 11.92
C ALA A 346 -14.85 3.42 11.30
N LEU A 347 -15.02 2.30 11.99
CA LEU A 347 -14.39 1.05 11.61
C LEU A 347 -15.37 0.00 11.09
N PHE A 348 -16.67 0.21 11.31
CA PHE A 348 -17.64 -0.85 11.07
C PHE A 348 -18.70 -0.54 10.02
N ASN A 349 -18.53 0.57 9.30
CA ASN A 349 -19.52 0.98 8.31
C ASN A 349 -19.36 0.29 6.96
N PHE A 350 -19.24 -1.04 6.98
CA PHE A 350 -19.03 -1.82 5.76
C PHE A 350 -20.22 -1.75 4.80
N THR A 351 -19.92 -1.62 3.51
CA THR A 351 -20.94 -1.68 2.47
C THR A 351 -21.06 -3.08 1.90
N THR A 352 -22.11 -3.34 1.13
CA THR A 352 -22.31 -4.63 0.48
C THR A 352 -21.15 -4.92 -0.47
N GLN A 353 -20.56 -3.86 -1.02
CA GLN A 353 -19.43 -3.99 -1.92
C GLN A 353 -18.17 -4.45 -1.20
N GLU A 354 -17.91 -3.87 -0.04
CA GLU A 354 -16.75 -4.25 0.77
C GLU A 354 -16.85 -5.70 1.22
N LEU A 355 -18.09 -6.16 1.43
CA LEU A 355 -18.34 -7.50 1.93
C LEU A 355 -18.62 -8.51 0.82
N SER A 356 -18.55 -8.06 -0.43
CA SER A 356 -18.95 -8.89 -1.56
C SER A 356 -18.13 -10.18 -1.71
N SER A 357 -16.88 -10.15 -1.25
CA SER A 357 -16.02 -11.31 -1.35
C SER A 357 -16.46 -12.41 -0.39
N ASN A 358 -17.05 -12.01 0.73
CA ASN A 358 -17.45 -12.96 1.76
C ASN A 358 -18.49 -12.37 2.71
N PRO A 359 -19.74 -12.23 2.25
CA PRO A 359 -20.82 -11.64 3.05
C PRO A 359 -21.04 -12.21 4.47
N PRO A 360 -20.83 -13.52 4.70
CA PRO A 360 -21.03 -14.00 6.08
C PRO A 360 -20.04 -13.46 7.12
N LEU A 361 -18.96 -12.82 6.70
CA LEU A 361 -17.99 -12.28 7.65
C LEU A 361 -18.55 -11.07 8.43
N ALA A 362 -19.74 -10.63 8.05
CA ALA A 362 -20.38 -9.48 8.68
C ALA A 362 -20.63 -9.72 10.17
N THR A 363 -20.91 -10.97 10.52
CA THR A 363 -21.17 -11.36 11.90
C THR A 363 -20.02 -10.96 12.83
N ILE A 364 -18.80 -11.17 12.36
CA ILE A 364 -17.61 -10.81 13.13
C ILE A 364 -17.27 -9.33 12.96
N LEU A 365 -17.24 -8.87 11.71
CA LEU A 365 -16.77 -7.53 11.38
C LEU A 365 -17.63 -6.42 11.98
N ILE A 366 -18.95 -6.63 12.03
CA ILE A 366 -19.83 -5.67 12.67
C ILE A 366 -20.27 -6.18 14.03
N PRO A 367 -19.64 -5.66 15.11
CA PRO A 367 -19.99 -6.02 16.47
C PRO A 367 -21.43 -5.59 16.80
N PRO A 368 -22.05 -6.21 17.81
CA PRO A 368 -23.44 -5.90 18.16
C PRO A 368 -23.67 -4.42 18.46
N HIS A 369 -22.73 -3.80 19.17
CA HIS A 369 -22.87 -2.41 19.56
C HIS A 369 -22.79 -1.45 18.38
N ALA A 370 -22.39 -1.96 17.21
CA ALA A 370 -22.29 -1.14 16.02
C ALA A 370 -23.50 -1.33 15.11
N ARG A 371 -24.37 -2.26 15.49
CA ARG A 371 -25.59 -2.50 14.74
C ARG A 371 -26.58 -1.34 14.90
N HIS A 372 -26.70 -0.85 16.12
CA HIS A 372 -27.60 0.26 16.43
C HIS A 372 -27.17 1.54 15.72
N VAL B 5 15.34 -11.77 -18.18
CA VAL B 5 15.85 -12.47 -17.01
C VAL B 5 15.64 -13.96 -17.13
N GLU B 6 16.73 -14.70 -17.40
CA GLU B 6 16.66 -16.15 -17.53
C GLU B 6 16.57 -16.82 -16.17
N PRO B 7 15.64 -17.79 -16.04
CA PRO B 7 15.50 -18.58 -14.82
C PRO B 7 16.83 -19.24 -14.43
N GLN B 8 17.52 -19.81 -15.40
CA GLN B 8 18.80 -20.45 -15.18
C GLN B 8 19.81 -19.54 -14.48
N LYS B 9 19.96 -18.32 -15.00
CA LYS B 9 20.91 -17.36 -14.45
C LYS B 9 20.50 -16.89 -13.06
N PHE B 10 19.20 -16.71 -12.87
CA PHE B 10 18.66 -16.25 -11.60
C PHE B 10 18.86 -17.31 -10.52
N ALA B 11 18.44 -18.53 -10.81
CA ALA B 11 18.57 -19.65 -9.88
C ALA B 11 20.04 -19.93 -9.55
N GLU B 12 20.91 -19.72 -10.53
CA GLU B 12 22.34 -19.92 -10.33
C GLU B 12 22.86 -18.99 -9.25
N GLU B 13 22.45 -17.73 -9.32
CA GLU B 13 22.85 -16.73 -8.34
C GLU B 13 22.26 -17.05 -6.98
N LEU B 14 20.98 -17.42 -6.98
CA LEU B 14 20.28 -17.74 -5.74
C LEU B 14 20.91 -18.95 -5.04
N ILE B 15 21.18 -20.01 -5.81
CA ILE B 15 21.82 -21.20 -5.28
C ILE B 15 23.17 -20.85 -4.66
N HIS B 16 23.96 -20.05 -5.35
CA HIS B 16 25.25 -19.62 -4.83
C HIS B 16 25.13 -18.92 -3.48
N ARG B 17 24.17 -18.00 -3.37
CA ARG B 17 23.97 -17.24 -2.15
C ARG B 17 23.49 -18.11 -1.00
N LEU B 18 22.57 -19.03 -1.31
CA LEU B 18 21.98 -19.89 -0.28
C LEU B 18 23.02 -20.86 0.31
N GLU B 19 23.94 -21.33 -0.52
CA GLU B 19 25.02 -22.20 -0.06
C GLU B 19 25.87 -21.48 0.98
N ALA B 20 26.08 -20.18 0.78
CA ALA B 20 26.91 -19.39 1.67
C ALA B 20 26.30 -19.22 3.07
N VAL B 21 24.98 -19.01 3.13
CA VAL B 21 24.31 -18.83 4.42
C VAL B 21 23.88 -20.16 5.02
N GLN B 22 24.08 -21.25 4.28
CA GLN B 22 23.62 -22.56 4.70
C GLN B 22 24.38 -23.10 5.89
N ARG B 23 23.65 -23.42 6.96
CA ARG B 23 24.26 -23.91 8.20
C ARG B 23 24.88 -25.29 8.03
N PRO C 3 9.78 1.63 -9.90
CA PRO C 3 9.38 0.55 -10.82
C PRO C 3 8.11 0.91 -11.58
N PRO C 4 8.24 1.32 -12.84
CA PRO C 4 7.12 1.79 -13.67
C PRO C 4 6.14 0.67 -14.03
N PRO C 5 4.92 1.02 -14.46
CA PRO C 5 3.96 0.04 -14.98
C PRO C 5 4.40 -0.49 -16.34
N PRO C 7 4.86 -1.26 -20.35
CA PRO C 7 5.02 -0.42 -21.54
C PRO C 7 3.74 -0.35 -22.35
N CYS C 8 3.75 0.40 -23.45
CA CYS C 8 2.58 0.50 -24.32
C CYS C 8 2.70 -0.43 -25.52
#